data_1PJV
#
_entry.id   1PJV
#
_entity_poly.entity_id   1
_entity_poly.type   'polypeptide(L)'
_entity_poly.pdbx_seq_one_letter_code
;AVCVYRTCDKDCKRRGYRSGKCINNACKCYPY
;
_entity_poly.pdbx_strand_id   A
#
# COMPACT_ATOMS: atom_id res chain seq x y z
N ALA A 1 -1.86 -1.63 -16.54
CA ALA A 1 -2.57 -1.31 -15.27
C ALA A 1 -1.85 -0.21 -14.50
N VAL A 2 -2.53 0.34 -13.50
CA VAL A 2 -1.96 1.40 -12.67
C VAL A 2 -1.97 1.02 -11.20
N CYS A 3 -1.28 1.82 -10.40
CA CYS A 3 -1.21 1.59 -8.97
C CYS A 3 -2.56 1.81 -8.30
N VAL A 4 -3.08 0.77 -7.66
CA VAL A 4 -4.38 0.86 -6.99
C VAL A 4 -4.18 1.05 -5.48
N TYR A 5 -4.65 2.19 -4.98
CA TYR A 5 -4.52 2.50 -3.56
C TYR A 5 -5.27 1.48 -2.69
N ARG A 6 -6.47 1.12 -3.12
CA ARG A 6 -7.29 0.17 -2.38
C ARG A 6 -6.67 -1.22 -2.37
N THR A 7 -6.07 -1.61 -3.50
CA THR A 7 -5.44 -2.92 -3.60
C THR A 7 -4.12 -2.94 -2.85
N CYS A 8 -3.36 -1.86 -2.99
CA CYS A 8 -2.08 -1.74 -2.30
C CYS A 8 -2.30 -1.55 -0.81
N ASP A 9 -3.37 -0.85 -0.47
CA ASP A 9 -3.71 -0.60 0.92
C ASP A 9 -4.13 -1.89 1.62
N LYS A 10 -5.07 -2.61 1.00
CA LYS A 10 -5.55 -3.87 1.56
C LYS A 10 -4.41 -4.88 1.67
N ASP A 11 -3.67 -5.05 0.58
CA ASP A 11 -2.55 -5.98 0.57
C ASP A 11 -1.56 -5.64 1.67
N CYS A 12 -1.15 -4.38 1.70
CA CYS A 12 -0.21 -3.92 2.71
C CYS A 12 -0.75 -4.18 4.12
N LYS A 13 -2.03 -3.88 4.32
CA LYS A 13 -2.67 -4.09 5.60
C LYS A 13 -2.60 -5.56 6.01
N ARG A 14 -2.75 -6.44 5.04
CA ARG A 14 -2.69 -7.89 5.30
C ARG A 14 -1.28 -8.43 5.09
N ARG A 15 -0.32 -7.54 4.88
CA ARG A 15 1.07 -7.96 4.68
C ARG A 15 1.90 -7.71 5.93
N GLY A 16 1.25 -7.72 7.09
CA GLY A 16 1.96 -7.50 8.33
C GLY A 16 2.34 -6.04 8.54
N TYR A 17 1.57 -5.14 7.96
CA TYR A 17 1.83 -3.71 8.09
C TYR A 17 0.57 -2.96 8.49
N ARG A 18 0.73 -1.69 8.87
CA ARG A 18 -0.40 -0.87 9.29
C ARG A 18 -1.22 -0.41 8.08
N SER A 19 -0.53 0.06 7.04
CA SER A 19 -1.19 0.53 5.83
C SER A 19 -0.16 0.95 4.79
N GLY A 20 -0.62 1.15 3.56
CA GLY A 20 0.27 1.56 2.48
C GLY A 20 -0.21 2.81 1.77
N LYS A 21 0.70 3.48 1.08
CA LYS A 21 0.38 4.69 0.34
C LYS A 21 1.11 4.72 -0.99
N CYS A 22 0.40 5.12 -2.04
CA CYS A 22 0.98 5.19 -3.38
C CYS A 22 1.21 6.64 -3.81
N ILE A 23 2.48 7.04 -3.84
CA ILE A 23 2.85 8.39 -4.23
C ILE A 23 4.06 8.38 -5.16
N ASN A 24 4.11 9.35 -6.07
CA ASN A 24 5.22 9.45 -7.02
C ASN A 24 5.40 8.14 -7.80
N ASN A 25 4.29 7.46 -8.06
CA ASN A 25 4.32 6.20 -8.79
C ASN A 25 5.03 5.11 -8.00
N ALA A 26 4.98 5.23 -6.67
CA ALA A 26 5.62 4.26 -5.79
C ALA A 26 4.78 4.03 -4.54
N CYS A 27 4.39 2.78 -4.31
CA CYS A 27 3.59 2.43 -3.15
C CYS A 27 4.48 2.07 -1.96
N LYS A 28 4.50 2.95 -0.96
CA LYS A 28 5.30 2.71 0.24
C LYS A 28 4.44 2.20 1.38
N CYS A 29 4.82 1.06 1.93
CA CYS A 29 4.08 0.45 3.03
C CYS A 29 4.41 1.12 4.36
N TYR A 30 3.57 0.89 5.35
CA TYR A 30 3.77 1.48 6.68
C TYR A 30 3.40 0.48 7.78
N PRO A 31 4.40 -0.11 8.46
CA PRO A 31 4.16 -1.07 9.54
C PRO A 31 3.57 -0.43 10.78
N TYR A 32 3.18 -1.25 11.75
CA TYR A 32 2.60 -0.76 12.99
C TYR A 32 3.59 0.15 13.72
N ALA A 1 -3.90 0.05 -16.89
CA ALA A 1 -4.00 -0.14 -15.42
C ALA A 1 -3.05 0.78 -14.68
N VAL A 2 -3.37 1.10 -13.43
CA VAL A 2 -2.53 1.98 -12.62
C VAL A 2 -2.49 1.51 -11.17
N CYS A 3 -1.58 2.09 -10.41
CA CYS A 3 -1.41 1.73 -9.01
C CYS A 3 -2.69 2.02 -8.22
N VAL A 4 -3.27 0.97 -7.64
CA VAL A 4 -4.49 1.11 -6.86
C VAL A 4 -4.16 1.23 -5.37
N TYR A 5 -4.45 2.39 -4.80
CA TYR A 5 -4.17 2.65 -3.40
C TYR A 5 -4.78 1.59 -2.48
N ARG A 6 -6.08 1.36 -2.64
CA ARG A 6 -6.80 0.40 -1.81
C ARG A 6 -6.27 -1.02 -2.00
N THR A 7 -5.93 -1.36 -3.24
CA THR A 7 -5.42 -2.69 -3.55
C THR A 7 -4.02 -2.85 -3.00
N CYS A 8 -3.23 -1.79 -3.09
CA CYS A 8 -1.86 -1.78 -2.59
C CYS A 8 -1.86 -1.84 -1.07
N ASP A 9 -2.73 -1.04 -0.46
CA ASP A 9 -2.84 -0.98 0.99
C ASP A 9 -3.27 -2.33 1.55
N LYS A 10 -4.28 -2.92 0.94
CA LYS A 10 -4.78 -4.22 1.37
C LYS A 10 -3.74 -5.32 1.15
N ASP A 11 -3.05 -5.26 0.02
CA ASP A 11 -2.03 -6.25 -0.30
C ASP A 11 -0.95 -6.26 0.77
N CYS A 12 -0.41 -5.09 1.07
CA CYS A 12 0.64 -4.97 2.07
C CYS A 12 0.09 -5.16 3.48
N LYS A 13 -1.09 -4.59 3.75
CA LYS A 13 -1.71 -4.70 5.06
C LYS A 13 -1.88 -6.16 5.45
N ARG A 14 -2.29 -6.99 4.50
CA ARG A 14 -2.48 -8.41 4.75
C ARG A 14 -1.16 -9.10 5.11
N ARG A 15 -0.05 -8.50 4.68
CA ARG A 15 1.26 -9.06 4.96
C ARG A 15 1.65 -8.83 6.42
N GLY A 16 1.61 -7.58 6.84
CA GLY A 16 1.96 -7.25 8.21
C GLY A 16 2.06 -5.75 8.44
N TYR A 17 1.12 -5.01 7.86
CA TYR A 17 1.09 -3.55 8.01
C TYR A 17 -0.29 -3.06 8.40
N ARG A 18 -0.41 -1.75 8.62
CA ARG A 18 -1.68 -1.15 9.00
C ARG A 18 -2.10 -0.05 8.02
N SER A 19 -1.12 0.74 7.57
CA SER A 19 -1.41 1.83 6.64
C SER A 19 -0.48 1.78 5.44
N GLY A 20 -0.54 2.82 4.61
CA GLY A 20 0.31 2.89 3.43
C GLY A 20 -0.17 3.91 2.42
N LYS A 21 0.70 4.28 1.50
CA LYS A 21 0.36 5.26 0.48
C LYS A 21 1.06 4.93 -0.84
N CYS A 22 0.36 5.11 -1.95
CA CYS A 22 0.92 4.84 -3.27
C CYS A 22 1.47 6.11 -3.90
N ILE A 23 2.78 6.14 -4.13
CA ILE A 23 3.42 7.29 -4.72
C ILE A 23 3.40 7.19 -6.25
N ASN A 24 3.47 8.33 -6.92
CA ASN A 24 3.45 8.38 -8.39
C ASN A 24 4.29 7.27 -9.02
N ASN A 25 5.29 6.81 -8.30
CA ASN A 25 6.16 5.75 -8.79
C ASN A 25 6.76 4.95 -7.63
N ALA A 26 5.99 4.76 -6.57
CA ALA A 26 6.48 4.01 -5.41
C ALA A 26 5.40 3.82 -4.35
N CYS A 27 4.95 2.59 -4.18
CA CYS A 27 3.93 2.28 -3.19
C CYS A 27 4.56 1.75 -1.91
N LYS A 28 4.36 2.49 -0.80
CA LYS A 28 4.91 2.09 0.48
C LYS A 28 3.82 1.88 1.52
N CYS A 29 4.13 1.14 2.57
CA CYS A 29 3.18 0.86 3.63
C CYS A 29 3.75 1.23 4.99
N TYR A 30 2.89 1.36 5.99
CA TYR A 30 3.31 1.71 7.33
C TYR A 30 2.88 0.66 8.35
N PRO A 31 3.84 -0.03 8.99
CA PRO A 31 3.52 -1.07 9.99
C PRO A 31 2.74 -0.51 11.18
N TYR A 32 3.44 0.15 12.09
CA TYR A 32 2.81 0.72 13.27
C TYR A 32 3.44 2.06 13.63
N ALA A 1 -1.98 -0.70 -16.61
CA ALA A 1 -2.44 -0.83 -15.21
C ALA A 1 -1.81 0.24 -14.33
N VAL A 2 -2.66 0.96 -13.58
CA VAL A 2 -2.20 2.02 -12.71
C VAL A 2 -2.22 1.58 -11.25
N CYS A 3 -1.63 2.39 -10.39
CA CYS A 3 -1.58 2.09 -8.96
C CYS A 3 -2.95 2.20 -8.33
N VAL A 4 -3.38 1.13 -7.68
CA VAL A 4 -4.68 1.10 -7.02
C VAL A 4 -4.53 1.17 -5.50
N TYR A 5 -5.12 2.20 -4.91
CA TYR A 5 -5.05 2.40 -3.47
C TYR A 5 -5.67 1.23 -2.70
N ARG A 6 -6.84 0.79 -3.14
CA ARG A 6 -7.53 -0.31 -2.51
C ARG A 6 -6.79 -1.63 -2.68
N THR A 7 -6.20 -1.83 -3.86
CA THR A 7 -5.47 -3.06 -4.13
C THR A 7 -4.15 -3.07 -3.38
N CYS A 8 -3.48 -1.91 -3.39
CA CYS A 8 -2.21 -1.78 -2.70
C CYS A 8 -2.43 -1.79 -1.20
N ASP A 9 -3.51 -1.16 -0.75
CA ASP A 9 -3.85 -1.10 0.66
C ASP A 9 -4.14 -2.49 1.21
N LYS A 10 -4.97 -3.25 0.50
CA LYS A 10 -5.35 -4.59 0.93
C LYS A 10 -4.16 -5.55 0.85
N ASP A 11 -3.52 -5.62 -0.31
CA ASP A 11 -2.37 -6.50 -0.50
C ASP A 11 -1.27 -6.18 0.50
N CYS A 12 -1.08 -4.89 0.76
CA CYS A 12 -0.05 -4.44 1.68
C CYS A 12 -0.45 -4.64 3.13
N LYS A 13 -1.69 -4.29 3.48
CA LYS A 13 -2.15 -4.44 4.85
C LYS A 13 -2.13 -5.91 5.28
N ARG A 14 -2.39 -6.80 4.33
CA ARG A 14 -2.38 -8.23 4.62
C ARG A 14 -0.98 -8.73 4.94
N ARG A 15 0.03 -7.89 4.67
CA ARG A 15 1.42 -8.26 4.94
C ARG A 15 1.85 -7.81 6.33
N GLY A 16 0.88 -7.53 7.20
CA GLY A 16 1.19 -7.09 8.55
C GLY A 16 1.66 -5.65 8.61
N TYR A 17 0.91 -4.75 7.99
CA TYR A 17 1.26 -3.33 8.00
C TYR A 17 0.19 -2.51 8.71
N ARG A 18 0.57 -1.32 9.16
CA ARG A 18 -0.36 -0.43 9.85
C ARG A 18 -1.03 0.53 8.88
N SER A 19 -0.22 1.26 8.12
CA SER A 19 -0.75 2.21 7.15
C SER A 19 0.31 2.60 6.13
N GLY A 20 -0.14 2.94 4.92
CA GLY A 20 0.79 3.33 3.88
C GLY A 20 0.17 4.27 2.86
N LYS A 21 0.79 4.37 1.69
CA LYS A 21 0.28 5.24 0.64
C LYS A 21 0.95 4.90 -0.69
N CYS A 22 0.35 5.40 -1.78
CA CYS A 22 0.88 5.15 -3.11
C CYS A 22 1.55 6.41 -3.67
N ILE A 23 2.85 6.30 -3.96
CA ILE A 23 3.60 7.41 -4.52
C ILE A 23 3.44 7.48 -6.02
N ASN A 24 3.68 8.66 -6.59
CA ASN A 24 3.55 8.89 -8.04
C ASN A 24 4.04 7.69 -8.85
N ASN A 25 5.01 6.98 -8.29
CA ASN A 25 5.56 5.81 -8.95
C ASN A 25 6.18 4.85 -7.94
N ALA A 26 5.53 4.70 -6.79
CA ALA A 26 6.04 3.81 -5.75
C ALA A 26 5.06 3.66 -4.59
N CYS A 27 4.46 2.48 -4.47
CA CYS A 27 3.51 2.20 -3.40
C CYS A 27 4.22 1.55 -2.22
N LYS A 28 4.06 2.13 -1.03
CA LYS A 28 4.71 1.59 0.16
C LYS A 28 3.84 1.79 1.40
N CYS A 29 4.18 1.07 2.47
CA CYS A 29 3.44 1.16 3.72
C CYS A 29 4.37 0.98 4.92
N TYR A 30 3.86 1.26 6.11
CA TYR A 30 4.65 1.14 7.33
C TYR A 30 3.88 0.39 8.41
N PRO A 31 4.58 -0.41 9.23
CA PRO A 31 3.99 -1.18 10.32
C PRO A 31 3.74 -0.35 11.57
N TYR A 32 3.43 -1.01 12.68
CA TYR A 32 3.18 -0.32 13.93
C TYR A 32 4.45 0.33 14.46
N ALA A 1 -2.89 -1.79 -16.14
CA ALA A 1 -3.62 -1.01 -15.11
C ALA A 1 -2.69 -0.04 -14.38
N VAL A 2 -3.24 0.69 -13.42
CA VAL A 2 -2.45 1.65 -12.65
C VAL A 2 -2.46 1.31 -11.18
N CYS A 3 -1.61 1.98 -10.42
CA CYS A 3 -1.50 1.76 -8.99
C CYS A 3 -2.83 2.05 -8.29
N VAL A 4 -3.31 1.09 -7.50
CA VAL A 4 -4.56 1.24 -6.78
C VAL A 4 -4.32 1.32 -5.28
N TYR A 5 -4.74 2.41 -4.67
CA TYR A 5 -4.57 2.61 -3.24
C TYR A 5 -5.24 1.51 -2.43
N ARG A 6 -6.43 1.09 -2.88
CA ARG A 6 -7.18 0.05 -2.19
C ARG A 6 -6.53 -1.32 -2.35
N THR A 7 -5.93 -1.56 -3.52
CA THR A 7 -5.28 -2.83 -3.79
C THR A 7 -3.95 -2.89 -3.06
N CYS A 8 -3.22 -1.79 -3.10
CA CYS A 8 -1.92 -1.70 -2.44
C CYS A 8 -2.12 -1.69 -0.93
N ASP A 9 -3.18 -1.03 -0.48
CA ASP A 9 -3.49 -0.95 0.94
C ASP A 9 -3.87 -2.32 1.49
N LYS A 10 -4.77 -3.00 0.80
CA LYS A 10 -5.20 -4.33 1.22
C LYS A 10 -4.04 -5.31 1.22
N ASP A 11 -3.26 -5.29 0.14
CA ASP A 11 -2.10 -6.17 0.03
C ASP A 11 -1.12 -5.87 1.16
N CYS A 12 -0.97 -4.59 1.46
CA CYS A 12 -0.06 -4.15 2.52
C CYS A 12 -0.52 -4.66 3.88
N LYS A 13 -1.77 -4.37 4.23
CA LYS A 13 -2.32 -4.80 5.51
C LYS A 13 -2.28 -6.32 5.64
N ARG A 14 -2.43 -7.01 4.51
CA ARG A 14 -2.40 -8.46 4.50
C ARG A 14 -0.97 -8.99 4.65
N ARG A 15 0.00 -8.12 4.40
CA ARG A 15 1.41 -8.50 4.51
C ARG A 15 1.98 -8.10 5.87
N GLY A 16 1.09 -7.93 6.85
CA GLY A 16 1.53 -7.55 8.18
C GLY A 16 1.89 -6.08 8.29
N TYR A 17 0.97 -5.22 7.87
CA TYR A 17 1.20 -3.78 7.93
C TYR A 17 -0.01 -3.06 8.53
N ARG A 18 0.08 -1.74 8.66
CA ARG A 18 -1.00 -0.94 9.22
C ARG A 18 -1.63 -0.04 8.15
N SER A 19 -0.79 0.70 7.43
CA SER A 19 -1.25 1.60 6.39
C SER A 19 -0.26 1.69 5.25
N GLY A 20 -0.52 2.58 4.30
CA GLY A 20 0.36 2.74 3.16
C GLY A 20 -0.13 3.81 2.21
N LYS A 21 0.78 4.30 1.36
CA LYS A 21 0.43 5.34 0.39
C LYS A 21 1.10 5.08 -0.96
N CYS A 22 0.36 5.30 -2.03
CA CYS A 22 0.87 5.08 -3.37
C CYS A 22 1.50 6.36 -3.93
N ILE A 23 2.83 6.36 -4.06
CA ILE A 23 3.54 7.51 -4.60
C ILE A 23 3.56 7.48 -6.11
N ASN A 24 3.75 8.65 -6.73
CA ASN A 24 3.78 8.78 -8.18
C ASN A 24 4.51 7.63 -8.86
N ASN A 25 5.46 7.03 -8.16
CA ASN A 25 6.21 5.93 -8.71
C ASN A 25 6.74 5.00 -7.62
N ALA A 26 5.96 4.83 -6.54
CA ALA A 26 6.38 3.96 -5.45
C ALA A 26 5.32 3.88 -4.36
N CYS A 27 4.82 2.67 -4.11
CA CYS A 27 3.81 2.46 -3.07
C CYS A 27 4.46 2.20 -1.73
N LYS A 28 4.38 3.18 -0.83
CA LYS A 28 4.97 3.06 0.49
C LYS A 28 4.01 2.36 1.46
N CYS A 29 4.56 1.84 2.55
CA CYS A 29 3.76 1.15 3.55
C CYS A 29 4.18 1.57 4.96
N TYR A 30 3.31 1.31 5.94
CA TYR A 30 3.60 1.68 7.32
C TYR A 30 3.11 0.59 8.27
N PRO A 31 4.02 -0.27 8.77
CA PRO A 31 3.67 -1.35 9.70
C PRO A 31 3.19 -0.82 11.05
N TYR A 32 4.06 -0.04 11.71
CA TYR A 32 3.75 0.55 13.02
C TYR A 32 2.90 -0.37 13.90
N ALA A 1 -0.49 -2.36 -15.39
CA ALA A 1 -1.53 -1.91 -14.43
C ALA A 1 -1.16 -0.56 -13.81
N VAL A 2 -2.12 0.06 -13.13
CA VAL A 2 -1.90 1.35 -12.49
C VAL A 2 -1.97 1.22 -10.97
N CYS A 3 -1.27 2.10 -10.27
CA CYS A 3 -1.25 2.09 -8.82
C CYS A 3 -2.62 2.50 -8.25
N VAL A 4 -3.24 1.60 -7.51
CA VAL A 4 -4.54 1.88 -6.91
C VAL A 4 -4.43 2.01 -5.40
N TYR A 5 -5.19 2.95 -4.84
CA TYR A 5 -5.19 3.17 -3.40
C TYR A 5 -5.79 2.00 -2.65
N ARG A 6 -6.92 1.50 -3.15
CA ARG A 6 -7.60 0.38 -2.53
C ARG A 6 -6.79 -0.91 -2.67
N THR A 7 -6.17 -1.08 -3.84
CA THR A 7 -5.35 -2.26 -4.10
C THR A 7 -4.08 -2.19 -3.27
N CYS A 8 -3.52 -0.99 -3.18
CA CYS A 8 -2.31 -0.77 -2.41
C CYS A 8 -2.59 -0.92 -0.92
N ASP A 9 -3.79 -0.50 -0.52
CA ASP A 9 -4.19 -0.59 0.87
C ASP A 9 -4.33 -2.05 1.29
N LYS A 10 -5.06 -2.83 0.50
CA LYS A 10 -5.26 -4.24 0.79
C LYS A 10 -3.93 -4.98 0.76
N ASP A 11 -3.10 -4.64 -0.22
CA ASP A 11 -1.79 -5.28 -0.37
C ASP A 11 -0.95 -5.08 0.89
N CYS A 12 -0.83 -3.82 1.32
CA CYS A 12 -0.06 -3.50 2.51
C CYS A 12 -0.69 -4.12 3.75
N LYS A 13 -2.01 -4.04 3.83
CA LYS A 13 -2.74 -4.59 4.97
C LYS A 13 -2.46 -6.09 5.11
N ARG A 14 -2.35 -6.77 3.98
CA ARG A 14 -2.07 -8.20 3.97
C ARG A 14 -0.59 -8.48 3.73
N ARG A 15 0.25 -7.49 4.06
CA ARG A 15 1.69 -7.63 3.88
C ARG A 15 2.42 -7.41 5.20
N GLY A 16 1.76 -7.74 6.31
CA GLY A 16 2.36 -7.59 7.62
C GLY A 16 2.69 -6.14 7.93
N TYR A 17 1.78 -5.24 7.58
CA TYR A 17 1.97 -3.81 7.84
C TYR A 17 0.76 -3.22 8.55
N ARG A 18 0.88 -1.96 8.94
CA ARG A 18 -0.21 -1.27 9.64
C ARG A 18 -1.07 -0.47 8.67
N SER A 19 -0.42 0.24 7.75
CA SER A 19 -1.14 1.05 6.77
C SER A 19 -0.31 1.24 5.51
N GLY A 20 -0.98 1.30 4.37
CA GLY A 20 -0.28 1.50 3.10
C GLY A 20 -0.76 2.73 2.35
N LYS A 21 0.05 3.21 1.42
CA LYS A 21 -0.30 4.38 0.63
C LYS A 21 0.50 4.43 -0.67
N CYS A 22 -0.16 4.77 -1.76
CA CYS A 22 0.49 4.86 -3.06
C CYS A 22 1.27 6.16 -3.20
N ILE A 23 2.59 6.06 -3.14
CA ILE A 23 3.46 7.22 -3.26
C ILE A 23 4.52 7.00 -4.33
N ASN A 24 4.83 8.06 -5.09
CA ASN A 24 5.83 7.98 -6.15
C ASN A 24 5.56 6.79 -7.06
N ASN A 25 4.34 6.72 -7.57
CA ASN A 25 3.94 5.65 -8.46
C ASN A 25 4.36 4.28 -7.92
N ALA A 26 4.44 4.19 -6.59
CA ALA A 26 4.83 2.95 -5.94
C ALA A 26 4.06 2.74 -4.65
N CYS A 27 3.46 1.56 -4.49
CA CYS A 27 2.69 1.24 -3.30
C CYS A 27 3.59 1.22 -2.07
N LYS A 28 3.45 2.26 -1.23
CA LYS A 28 4.25 2.37 -0.02
C LYS A 28 3.56 1.66 1.16
N CYS A 29 4.32 1.37 2.20
CA CYS A 29 3.77 0.70 3.38
C CYS A 29 4.15 1.45 4.65
N TYR A 30 3.44 1.15 5.74
CA TYR A 30 3.69 1.79 7.03
C TYR A 30 3.54 0.78 8.17
N PRO A 31 4.66 0.39 8.82
CA PRO A 31 4.63 -0.55 9.93
C PRO A 31 4.15 0.06 11.23
N TYR A 32 4.68 1.26 11.52
CA TYR A 32 4.34 2.02 12.73
C TYR A 32 3.05 1.53 13.39
N ALA A 1 -2.92 -0.58 -16.61
CA ALA A 1 -3.70 0.23 -15.65
C ALA A 1 -2.79 0.93 -14.64
N VAL A 2 -3.38 1.67 -13.72
CA VAL A 2 -2.62 2.38 -12.70
C VAL A 2 -2.67 1.64 -11.37
N CYS A 3 -1.84 2.08 -10.43
CA CYS A 3 -1.77 1.47 -9.11
C CYS A 3 -2.98 1.87 -8.27
N VAL A 4 -3.74 0.87 -7.84
CA VAL A 4 -4.93 1.12 -7.03
C VAL A 4 -4.54 1.39 -5.58
N TYR A 5 -5.10 2.45 -5.01
CA TYR A 5 -4.80 2.84 -3.64
C TYR A 5 -5.31 1.81 -2.64
N ARG A 6 -6.59 1.46 -2.73
CA ARG A 6 -7.20 0.50 -1.82
C ARG A 6 -6.68 -0.91 -2.03
N THR A 7 -6.36 -1.26 -3.27
CA THR A 7 -5.86 -2.59 -3.57
C THR A 7 -4.42 -2.74 -3.11
N CYS A 8 -3.63 -1.70 -3.32
CA CYS A 8 -2.24 -1.71 -2.92
C CYS A 8 -2.14 -1.61 -1.41
N ASP A 9 -3.07 -0.88 -0.81
CA ASP A 9 -3.11 -0.71 0.64
C ASP A 9 -3.45 -2.02 1.33
N LYS A 10 -4.51 -2.68 0.87
CA LYS A 10 -4.92 -3.94 1.46
C LYS A 10 -3.90 -5.04 1.20
N ASP A 11 -3.33 -5.05 0.01
CA ASP A 11 -2.32 -6.05 -0.35
C ASP A 11 -1.11 -5.92 0.56
N CYS A 12 -0.58 -4.71 0.64
CA CYS A 12 0.58 -4.44 1.48
C CYS A 12 0.24 -4.65 2.96
N LYS A 13 -0.91 -4.14 3.37
CA LYS A 13 -1.36 -4.25 4.75
C LYS A 13 -1.45 -5.73 5.17
N ARG A 14 -1.86 -6.58 4.23
CA ARG A 14 -2.00 -7.99 4.50
C ARG A 14 -0.63 -8.66 4.69
N ARG A 15 0.42 -7.98 4.23
CA ARG A 15 1.78 -8.51 4.37
C ARG A 15 2.24 -8.46 5.81
N GLY A 16 2.20 -7.27 6.40
CA GLY A 16 2.62 -7.11 7.78
C GLY A 16 2.75 -5.65 8.17
N TYR A 17 1.82 -4.82 7.70
CA TYR A 17 1.84 -3.40 8.01
C TYR A 17 0.47 -2.92 8.49
N ARG A 18 0.41 -1.67 8.92
CA ARG A 18 -0.84 -1.08 9.40
C ARG A 18 -1.54 -0.30 8.30
N SER A 19 -0.76 0.41 7.50
CA SER A 19 -1.31 1.20 6.40
C SER A 19 -0.31 1.28 5.25
N GLY A 20 -0.71 1.98 4.18
CA GLY A 20 0.16 2.13 3.02
C GLY A 20 -0.45 3.02 1.96
N LYS A 21 0.40 3.55 1.08
CA LYS A 21 -0.05 4.42 0.01
C LYS A 21 0.80 4.24 -1.24
N CYS A 22 0.18 4.38 -2.41
CA CYS A 22 0.88 4.23 -3.68
C CYS A 22 1.18 5.59 -4.30
N ILE A 23 2.42 6.04 -4.15
CA ILE A 23 2.84 7.32 -4.69
C ILE A 23 4.18 7.21 -5.40
N ASN A 24 4.45 8.16 -6.29
CA ASN A 24 5.71 8.17 -7.04
C ASN A 24 6.05 6.80 -7.61
N ASN A 25 5.00 6.05 -7.88
CA ASN A 25 5.13 4.71 -8.43
C ASN A 25 5.71 3.76 -7.39
N ALA A 26 5.31 3.94 -6.13
CA ALA A 26 5.78 3.09 -5.05
C ALA A 26 4.76 3.01 -3.93
N CYS A 27 4.49 1.79 -3.47
CA CYS A 27 3.53 1.57 -2.40
C CYS A 27 4.19 1.68 -1.04
N LYS A 28 4.24 2.90 -0.50
CA LYS A 28 4.85 3.14 0.79
C LYS A 28 3.95 2.65 1.92
N CYS A 29 4.42 1.63 2.64
CA CYS A 29 3.66 1.07 3.74
C CYS A 29 4.11 1.66 5.07
N TYR A 30 3.27 1.53 6.09
CA TYR A 30 3.58 2.05 7.42
C TYR A 30 3.14 1.07 8.51
N PRO A 31 4.06 0.69 9.42
CA PRO A 31 3.75 -0.24 10.51
C PRO A 31 2.90 0.41 11.61
N TYR A 32 2.79 -0.28 12.73
CA TYR A 32 2.01 0.23 13.85
C TYR A 32 2.60 1.53 14.39
N ALA A 1 -1.96 -1.69 -16.34
CA ALA A 1 -2.40 -1.51 -14.93
C ALA A 1 -1.45 -0.59 -14.16
N VAL A 2 -2.01 0.23 -13.29
CA VAL A 2 -1.22 1.16 -12.50
C VAL A 2 -1.47 0.96 -11.01
N CYS A 3 -0.63 1.57 -10.19
CA CYS A 3 -0.75 1.46 -8.74
C CYS A 3 -2.01 2.17 -8.25
N VAL A 4 -2.82 1.44 -7.49
CA VAL A 4 -4.06 2.00 -6.96
C VAL A 4 -3.99 2.13 -5.43
N TYR A 5 -4.71 3.11 -4.90
CA TYR A 5 -4.74 3.34 -3.46
C TYR A 5 -5.34 2.15 -2.73
N ARG A 6 -6.53 1.73 -3.15
CA ARG A 6 -7.22 0.61 -2.54
C ARG A 6 -6.43 -0.69 -2.71
N THR A 7 -5.75 -0.81 -3.85
CA THR A 7 -4.95 -2.00 -4.12
C THR A 7 -3.69 -1.98 -3.28
N CYS A 8 -3.09 -0.80 -3.16
CA CYS A 8 -1.88 -0.64 -2.37
C CYS A 8 -2.19 -0.81 -0.89
N ASP A 9 -3.34 -0.29 -0.48
CA ASP A 9 -3.77 -0.38 0.91
C ASP A 9 -4.03 -1.83 1.30
N LYS A 10 -4.83 -2.52 0.49
CA LYS A 10 -5.16 -3.91 0.76
C LYS A 10 -3.91 -4.77 0.76
N ASP A 11 -3.04 -4.56 -0.23
CA ASP A 11 -1.80 -5.32 -0.33
C ASP A 11 -0.96 -5.15 0.92
N CYS A 12 -0.75 -3.89 1.32
CA CYS A 12 0.03 -3.58 2.50
C CYS A 12 -0.63 -4.14 3.76
N LYS A 13 -1.95 -3.96 3.85
CA LYS A 13 -2.71 -4.45 5.01
C LYS A 13 -2.58 -5.96 5.15
N ARG A 14 -2.49 -6.64 4.01
CA ARG A 14 -2.37 -8.10 4.02
C ARG A 14 -0.90 -8.55 3.98
N ARG A 15 0.02 -7.60 4.16
CA ARG A 15 1.43 -7.91 4.15
C ARG A 15 2.04 -7.72 5.53
N GLY A 16 1.23 -7.95 6.57
CA GLY A 16 1.69 -7.80 7.93
C GLY A 16 2.16 -6.39 8.24
N TYR A 17 1.37 -5.41 7.82
CA TYR A 17 1.71 -4.01 8.06
C TYR A 17 0.55 -3.28 8.72
N ARG A 18 0.80 -2.04 9.15
CA ARG A 18 -0.22 -1.24 9.82
C ARG A 18 -1.08 -0.50 8.79
N SER A 19 -0.44 0.12 7.80
CA SER A 19 -1.16 0.85 6.76
C SER A 19 -0.27 1.08 5.55
N GLY A 20 -0.91 1.21 4.39
CA GLY A 20 -0.17 1.44 3.16
C GLY A 20 -0.64 2.68 2.43
N LYS A 21 0.21 3.19 1.53
CA LYS A 21 -0.12 4.39 0.76
C LYS A 21 0.65 4.41 -0.56
N CYS A 22 -0.08 4.51 -1.66
CA CYS A 22 0.54 4.56 -2.97
C CYS A 22 0.87 5.99 -3.38
N ILE A 23 2.16 6.24 -3.59
CA ILE A 23 2.64 7.56 -3.98
C ILE A 23 3.63 7.48 -5.12
N ASN A 24 3.46 8.34 -6.13
CA ASN A 24 4.35 8.34 -7.28
C ASN A 24 4.54 6.93 -7.83
N ASN A 25 3.44 6.30 -8.19
CA ASN A 25 3.45 4.95 -8.73
C ASN A 25 4.31 4.02 -7.87
N ALA A 26 4.39 4.33 -6.58
CA ALA A 26 5.17 3.53 -5.64
C ALA A 26 4.36 3.19 -4.39
N CYS A 27 3.90 1.94 -4.31
CA CYS A 27 3.11 1.49 -3.17
C CYS A 27 3.96 1.49 -1.90
N LYS A 28 3.70 2.44 -1.02
CA LYS A 28 4.43 2.54 0.24
C LYS A 28 3.74 1.75 1.34
N CYS A 29 4.46 1.46 2.42
CA CYS A 29 3.91 0.71 3.54
C CYS A 29 4.26 1.37 4.87
N TYR A 30 3.52 1.01 5.91
CA TYR A 30 3.75 1.57 7.24
C TYR A 30 3.52 0.51 8.32
N PRO A 31 4.60 0.07 9.00
CA PRO A 31 4.51 -0.95 10.05
C PRO A 31 4.07 -0.36 11.39
N TYR A 32 4.67 0.79 11.73
CA TYR A 32 4.38 1.51 12.98
C TYR A 32 3.05 1.10 13.60
N ALA A 1 -2.19 -1.06 -16.70
CA ALA A 1 -2.29 -1.29 -15.23
C ALA A 1 -1.69 -0.12 -14.45
N VAL A 2 -2.46 0.40 -13.50
CA VAL A 2 -2.01 1.53 -12.68
C VAL A 2 -1.94 1.14 -11.21
N CYS A 3 -1.34 2.01 -10.42
CA CYS A 3 -1.20 1.77 -8.98
C CYS A 3 -2.49 2.08 -8.24
N VAL A 4 -3.04 1.08 -7.57
CA VAL A 4 -4.27 1.25 -6.81
C VAL A 4 -3.97 1.37 -5.31
N TYR A 5 -4.52 2.40 -4.69
CA TYR A 5 -4.31 2.63 -3.27
C TYR A 5 -5.02 1.58 -2.41
N ARG A 6 -6.30 1.34 -2.71
CA ARG A 6 -7.08 0.39 -1.96
C ARG A 6 -6.59 -1.05 -2.15
N THR A 7 -6.16 -1.37 -3.37
CA THR A 7 -5.65 -2.70 -3.67
C THR A 7 -4.27 -2.89 -3.07
N CYS A 8 -3.44 -1.88 -3.20
CA CYS A 8 -2.09 -1.93 -2.66
C CYS A 8 -2.13 -1.87 -1.14
N ASP A 9 -3.06 -1.08 -0.62
CA ASP A 9 -3.21 -0.94 0.82
C ASP A 9 -3.66 -2.26 1.44
N LYS A 10 -4.71 -2.85 0.89
CA LYS A 10 -5.23 -4.12 1.38
C LYS A 10 -4.19 -5.22 1.26
N ASP A 11 -3.55 -5.31 0.10
CA ASP A 11 -2.53 -6.31 -0.14
C ASP A 11 -1.42 -6.23 0.90
N CYS A 12 -0.91 -5.02 1.10
CA CYS A 12 0.15 -4.80 2.07
C CYS A 12 -0.37 -4.97 3.49
N LYS A 13 -1.61 -4.55 3.73
CA LYS A 13 -2.21 -4.65 5.05
C LYS A 13 -2.19 -6.10 5.54
N ARG A 14 -2.60 -7.02 4.67
CA ARG A 14 -2.63 -8.43 5.00
C ARG A 14 -1.21 -8.99 5.14
N ARG A 15 -0.23 -8.21 4.69
CA ARG A 15 1.18 -8.62 4.76
C ARG A 15 1.84 -8.12 6.04
N GLY A 16 1.03 -7.77 7.04
CA GLY A 16 1.57 -7.28 8.29
C GLY A 16 1.98 -5.82 8.24
N TYR A 17 1.02 -4.96 7.92
CA TYR A 17 1.29 -3.52 7.84
C TYR A 17 0.14 -2.73 8.45
N ARG A 18 0.43 -1.49 8.85
CA ARG A 18 -0.59 -0.64 9.46
C ARG A 18 -1.24 0.25 8.42
N SER A 19 -0.42 1.01 7.68
CA SER A 19 -0.95 1.90 6.65
C SER A 19 -0.01 1.94 5.44
N GLY A 20 -0.35 2.80 4.48
CA GLY A 20 0.46 2.92 3.28
C GLY A 20 -0.20 3.79 2.23
N LYS A 21 0.61 4.29 1.28
CA LYS A 21 0.10 5.15 0.23
C LYS A 21 0.94 4.99 -1.03
N CYS A 22 0.35 5.33 -2.18
CA CYS A 22 1.05 5.23 -3.46
C CYS A 22 1.37 6.61 -4.01
N ILE A 23 2.63 7.01 -3.90
CA ILE A 23 3.07 8.31 -4.38
C ILE A 23 4.11 8.15 -5.50
N ASN A 24 4.02 9.01 -6.52
CA ASN A 24 4.95 8.95 -7.64
C ASN A 24 5.04 7.54 -8.20
N ASN A 25 3.89 6.99 -8.55
CA ASN A 25 3.80 5.63 -9.09
C ASN A 25 4.61 4.65 -8.23
N ALA A 26 4.74 4.95 -6.94
CA ALA A 26 5.48 4.10 -6.03
C ALA A 26 4.67 3.86 -4.75
N CYS A 27 4.36 2.59 -4.48
CA CYS A 27 3.60 2.24 -3.30
C CYS A 27 4.52 2.00 -2.11
N LYS A 28 4.11 2.52 -0.95
CA LYS A 28 4.90 2.36 0.28
C LYS A 28 3.99 2.28 1.50
N CYS A 29 4.16 1.21 2.27
CA CYS A 29 3.36 1.00 3.48
C CYS A 29 4.25 0.95 4.71
N TYR A 30 3.65 1.13 5.88
CA TYR A 30 4.39 1.11 7.14
C TYR A 30 3.65 0.32 8.21
N PRO A 31 4.39 -0.41 9.06
CA PRO A 31 3.80 -1.22 10.13
C PRO A 31 3.42 -0.38 11.34
N TYR A 32 3.11 -1.05 12.45
CA TYR A 32 2.74 -0.35 13.69
C TYR A 32 3.93 0.37 14.29
N ALA A 1 -2.47 -1.87 -16.02
CA ALA A 1 -3.15 -1.02 -15.01
C ALA A 1 -2.15 -0.14 -14.27
N VAL A 2 -2.65 0.64 -13.32
CA VAL A 2 -1.80 1.53 -12.53
C VAL A 2 -1.90 1.20 -11.05
N CYS A 3 -1.00 1.78 -10.27
CA CYS A 3 -0.97 1.56 -8.83
C CYS A 3 -2.31 1.94 -8.19
N VAL A 4 -2.90 1.00 -7.46
CA VAL A 4 -4.17 1.25 -6.79
C VAL A 4 -3.97 1.41 -5.28
N TYR A 5 -4.45 2.53 -4.75
CA TYR A 5 -4.32 2.82 -3.32
C TYR A 5 -5.00 1.75 -2.47
N ARG A 6 -6.21 1.37 -2.87
CA ARG A 6 -6.98 0.38 -2.13
C ARG A 6 -6.42 -1.03 -2.30
N THR A 7 -6.01 -1.36 -3.53
CA THR A 7 -5.45 -2.68 -3.81
C THR A 7 -4.08 -2.82 -3.17
N CYS A 8 -3.31 -1.74 -3.21
CA CYS A 8 -1.98 -1.72 -2.63
C CYS A 8 -2.07 -1.75 -1.11
N ASP A 9 -2.98 -0.95 -0.56
CA ASP A 9 -3.18 -0.88 0.88
C ASP A 9 -3.64 -2.22 1.44
N LYS A 10 -4.56 -2.87 0.72
CA LYS A 10 -5.09 -4.16 1.16
C LYS A 10 -4.04 -5.25 1.05
N ASP A 11 -3.38 -5.33 -0.11
CA ASP A 11 -2.35 -6.35 -0.32
C ASP A 11 -1.27 -6.24 0.74
N CYS A 12 -0.86 -5.01 1.03
CA CYS A 12 0.19 -4.78 2.02
C CYS A 12 -0.34 -4.96 3.44
N LYS A 13 -1.47 -4.33 3.76
CA LYS A 13 -2.04 -4.43 5.09
C LYS A 13 -2.33 -5.89 5.47
N ARG A 14 -2.60 -6.70 4.46
CA ARG A 14 -2.88 -8.11 4.69
C ARG A 14 -1.62 -8.89 5.05
N ARG A 15 -0.46 -8.35 4.65
CA ARG A 15 0.81 -8.99 4.95
C ARG A 15 1.22 -8.75 6.40
N GLY A 16 0.85 -7.59 6.92
CA GLY A 16 1.18 -7.25 8.28
C GLY A 16 1.60 -5.80 8.44
N TYR A 17 0.85 -4.90 7.80
CA TYR A 17 1.16 -3.48 7.88
C TYR A 17 0.02 -2.70 8.53
N ARG A 18 0.31 -1.48 8.96
CA ARG A 18 -0.68 -0.64 9.61
C ARG A 18 -1.36 0.28 8.61
N SER A 19 -0.57 0.99 7.82
CA SER A 19 -1.10 1.91 6.81
C SER A 19 -0.31 1.82 5.51
N GLY A 20 -0.87 2.39 4.45
CA GLY A 20 -0.21 2.37 3.16
C GLY A 20 -0.40 3.65 2.38
N LYS A 21 0.47 3.90 1.40
CA LYS A 21 0.37 5.09 0.59
C LYS A 21 1.02 4.87 -0.78
N CYS A 22 0.23 5.03 -1.83
CA CYS A 22 0.72 4.85 -3.20
C CYS A 22 1.22 6.17 -3.77
N ILE A 23 2.54 6.29 -3.89
CA ILE A 23 3.16 7.50 -4.44
C ILE A 23 3.01 7.53 -5.95
N ASN A 24 3.04 8.74 -6.51
CA ASN A 24 2.91 8.94 -7.95
C ASN A 24 3.74 7.95 -8.76
N ASN A 25 4.78 7.40 -8.15
CA ASN A 25 5.64 6.46 -8.84
C ASN A 25 6.25 5.44 -7.88
N ALA A 26 5.55 5.13 -6.79
CA ALA A 26 6.06 4.16 -5.82
C ALA A 26 5.10 3.95 -4.65
N CYS A 27 4.68 2.71 -4.45
CA CYS A 27 3.77 2.38 -3.35
C CYS A 27 4.56 1.93 -2.12
N LYS A 28 4.30 2.57 -0.99
CA LYS A 28 4.99 2.22 0.26
C LYS A 28 4.01 2.19 1.42
N CYS A 29 4.22 1.24 2.33
CA CYS A 29 3.35 1.09 3.50
C CYS A 29 4.18 1.10 4.78
N TYR A 30 3.51 1.30 5.90
CA TYR A 30 4.17 1.35 7.20
C TYR A 30 3.52 0.38 8.19
N PRO A 31 4.33 -0.46 8.86
CA PRO A 31 3.83 -1.42 9.84
C PRO A 31 3.53 -0.79 11.19
N TYR A 32 4.50 -0.05 11.70
CA TYR A 32 4.40 0.65 12.99
C TYR A 32 3.62 -0.18 14.02
N ALA A 1 -2.23 -1.35 -16.33
CA ALA A 1 -3.07 -0.56 -15.39
C ALA A 1 -2.21 0.24 -14.43
N VAL A 2 -2.84 1.13 -13.68
CA VAL A 2 -2.12 1.97 -12.72
C VAL A 2 -2.18 1.37 -11.32
N CYS A 3 -1.39 1.94 -10.42
CA CYS A 3 -1.34 1.49 -9.04
C CYS A 3 -2.60 1.87 -8.29
N VAL A 4 -3.24 0.88 -7.66
CA VAL A 4 -4.46 1.12 -6.90
C VAL A 4 -4.14 1.27 -5.42
N TYR A 5 -4.54 2.41 -4.85
CA TYR A 5 -4.29 2.69 -3.44
C TYR A 5 -4.99 1.68 -2.53
N ARG A 6 -6.29 1.47 -2.77
CA ARG A 6 -7.06 0.54 -1.96
C ARG A 6 -6.60 -0.90 -2.12
N THR A 7 -6.21 -1.27 -3.34
CA THR A 7 -5.74 -2.63 -3.61
C THR A 7 -4.35 -2.83 -3.05
N CYS A 8 -3.50 -1.83 -3.25
CA CYS A 8 -2.13 -1.89 -2.77
C CYS A 8 -2.11 -1.74 -1.25
N ASP A 9 -3.03 -0.95 -0.73
CA ASP A 9 -3.13 -0.73 0.70
C ASP A 9 -3.58 -1.99 1.42
N LYS A 10 -4.66 -2.59 0.92
CA LYS A 10 -5.18 -3.82 1.52
C LYS A 10 -4.19 -4.97 1.39
N ASP A 11 -3.73 -5.22 0.16
CA ASP A 11 -2.77 -6.29 -0.08
C ASP A 11 -1.53 -6.10 0.79
N CYS A 12 -0.99 -4.90 0.77
CA CYS A 12 0.20 -4.58 1.55
C CYS A 12 -0.09 -4.71 3.04
N LYS A 13 -1.23 -4.18 3.47
CA LYS A 13 -1.61 -4.24 4.88
C LYS A 13 -1.75 -5.69 5.33
N ARG A 14 -2.13 -6.57 4.40
CA ARG A 14 -2.29 -7.98 4.70
C ARG A 14 -0.95 -8.65 4.92
N ARG A 15 0.12 -8.03 4.46
CA ARG A 15 1.47 -8.58 4.61
C ARG A 15 1.93 -8.47 6.06
N GLY A 16 1.93 -7.25 6.58
CA GLY A 16 2.35 -7.01 7.94
C GLY A 16 2.49 -5.55 8.28
N TYR A 17 1.57 -4.74 7.76
CA TYR A 17 1.60 -3.30 8.01
C TYR A 17 0.25 -2.80 8.50
N ARG A 18 0.20 -1.52 8.90
CA ARG A 18 -1.02 -0.93 9.40
C ARG A 18 -1.63 0.02 8.37
N SER A 19 -0.79 0.87 7.78
CA SER A 19 -1.25 1.82 6.78
C SER A 19 -0.44 1.70 5.49
N GLY A 20 -0.67 2.61 4.56
CA GLY A 20 0.06 2.59 3.30
C GLY A 20 -0.57 3.49 2.25
N LYS A 21 0.17 3.72 1.17
CA LYS A 21 -0.30 4.57 0.09
C LYS A 21 0.62 4.46 -1.13
N CYS A 22 0.07 4.75 -2.30
CA CYS A 22 0.85 4.67 -3.54
C CYS A 22 1.14 6.07 -4.09
N ILE A 23 2.39 6.49 -3.98
CA ILE A 23 2.82 7.79 -4.46
C ILE A 23 4.03 7.68 -5.38
N ASN A 24 4.05 8.47 -6.44
CA ASN A 24 5.16 8.45 -7.39
C ASN A 24 5.50 7.02 -7.80
N ASN A 25 4.52 6.34 -8.35
CA ASN A 25 4.68 4.95 -8.80
C ASN A 25 5.41 4.11 -7.74
N ALA A 26 5.22 4.48 -6.47
CA ALA A 26 5.84 3.77 -5.37
C ALA A 26 4.85 3.56 -4.23
N CYS A 27 4.58 2.29 -3.90
CA CYS A 27 3.65 1.97 -2.83
C CYS A 27 4.37 1.91 -1.49
N LYS A 28 4.16 2.95 -0.68
CA LYS A 28 4.77 3.03 0.64
C LYS A 28 3.80 2.56 1.72
N CYS A 29 4.24 1.59 2.53
CA CYS A 29 3.41 1.06 3.59
C CYS A 29 3.85 1.60 4.95
N TYR A 30 2.97 1.45 5.94
CA TYR A 30 3.27 1.92 7.30
C TYR A 30 3.11 0.78 8.31
N PRO A 31 4.25 0.24 8.82
CA PRO A 31 4.22 -0.84 9.80
C PRO A 31 3.67 -0.40 11.14
N TYR A 32 3.57 -1.35 12.07
CA TYR A 32 3.05 -1.06 13.41
C TYR A 32 3.91 -0.01 14.11
N ALA A 1 -1.58 -1.52 -16.56
CA ALA A 1 -2.47 -1.08 -15.45
C ALA A 1 -1.82 0.04 -14.64
N VAL A 2 -2.52 0.49 -13.60
CA VAL A 2 -2.00 1.56 -12.74
C VAL A 2 -2.00 1.12 -11.29
N CYS A 3 -1.37 1.94 -10.45
CA CYS A 3 -1.29 1.66 -9.02
C CYS A 3 -2.64 1.90 -8.34
N VAL A 4 -3.13 0.88 -7.64
CA VAL A 4 -4.40 0.97 -6.94
C VAL A 4 -4.18 1.13 -5.44
N TYR A 5 -4.69 2.24 -4.90
CA TYR A 5 -4.56 2.52 -3.47
C TYR A 5 -5.30 1.48 -2.64
N ARG A 6 -6.50 1.13 -3.06
CA ARG A 6 -7.32 0.16 -2.34
C ARG A 6 -6.69 -1.22 -2.36
N THR A 7 -6.09 -1.59 -3.49
CA THR A 7 -5.44 -2.89 -3.62
C THR A 7 -4.13 -2.91 -2.86
N CYS A 8 -3.37 -1.84 -2.98
CA CYS A 8 -2.10 -1.73 -2.29
C CYS A 8 -2.32 -1.55 -0.79
N ASP A 9 -3.40 -0.86 -0.44
CA ASP A 9 -3.74 -0.63 0.95
C ASP A 9 -4.16 -1.93 1.62
N LYS A 10 -5.07 -2.66 0.98
CA LYS A 10 -5.54 -3.93 1.52
C LYS A 10 -4.39 -4.94 1.62
N ASP A 11 -3.64 -5.09 0.54
CA ASP A 11 -2.51 -6.00 0.51
C ASP A 11 -1.53 -5.66 1.63
N CYS A 12 -1.14 -4.39 1.70
CA CYS A 12 -0.22 -3.93 2.72
C CYS A 12 -0.77 -4.20 4.11
N LYS A 13 -2.06 -3.93 4.30
CA LYS A 13 -2.70 -4.15 5.58
C LYS A 13 -2.63 -5.62 5.96
N ARG A 14 -2.73 -6.49 4.97
CA ARG A 14 -2.67 -7.93 5.20
C ARG A 14 -1.24 -8.46 5.02
N ARG A 15 -0.26 -7.56 5.06
CA ARG A 15 1.13 -7.94 4.90
C ARG A 15 1.95 -7.58 6.13
N GLY A 16 1.34 -7.74 7.31
CA GLY A 16 2.02 -7.42 8.54
C GLY A 16 2.36 -5.95 8.66
N TYR A 17 1.61 -5.11 7.96
CA TYR A 17 1.84 -3.66 8.00
C TYR A 17 0.57 -2.92 8.40
N ARG A 18 0.74 -1.69 8.89
CA ARG A 18 -0.38 -0.88 9.32
C ARG A 18 -1.21 -0.41 8.12
N SER A 19 -0.53 0.06 7.09
CA SER A 19 -1.20 0.54 5.88
C SER A 19 -0.17 0.96 4.83
N GLY A 20 -0.64 1.10 3.59
CA GLY A 20 0.25 1.50 2.51
C GLY A 20 -0.24 2.73 1.77
N LYS A 21 0.66 3.40 1.07
CA LYS A 21 0.32 4.60 0.31
C LYS A 21 1.07 4.64 -1.00
N CYS A 22 0.37 5.04 -2.07
CA CYS A 22 0.97 5.13 -3.39
C CYS A 22 1.21 6.57 -3.81
N ILE A 23 2.48 6.96 -3.87
CA ILE A 23 2.85 8.31 -4.26
C ILE A 23 4.06 8.30 -5.18
N ASN A 24 4.11 9.27 -6.10
CA ASN A 24 5.22 9.37 -7.05
C ASN A 24 5.40 8.06 -7.82
N ASN A 25 4.29 7.39 -8.10
CA ASN A 25 4.33 6.13 -8.84
C ASN A 25 5.04 5.05 -8.04
N ALA A 26 4.99 5.17 -6.71
CA ALA A 26 5.63 4.20 -5.83
C ALA A 26 4.80 3.98 -4.56
N CYS A 27 4.40 2.74 -4.34
CA CYS A 27 3.60 2.40 -3.16
C CYS A 27 4.49 2.03 -1.98
N LYS A 28 4.49 2.89 -0.97
CA LYS A 28 5.30 2.65 0.23
C LYS A 28 4.43 2.15 1.38
N CYS A 29 4.81 1.00 1.93
CA CYS A 29 4.06 0.40 3.03
C CYS A 29 4.41 1.08 4.35
N TYR A 30 3.55 0.87 5.35
CA TYR A 30 3.78 1.47 6.67
C TYR A 30 3.41 0.49 7.78
N PRO A 31 4.43 -0.07 8.48
CA PRO A 31 4.21 -1.02 9.57
C PRO A 31 3.55 -0.37 10.78
N TYR A 32 3.25 -1.19 11.79
CA TYR A 32 2.63 -0.69 13.01
C TYR A 32 3.49 0.35 13.69
N ALA A 1 -1.72 -1.28 -15.52
CA ALA A 1 -2.86 -0.62 -14.84
C ALA A 1 -2.38 0.52 -13.95
N VAL A 2 -3.33 1.16 -13.26
CA VAL A 2 -2.99 2.27 -12.37
C VAL A 2 -2.81 1.79 -10.94
N CYS A 3 -2.30 2.68 -10.10
CA CYS A 3 -2.07 2.35 -8.69
C CYS A 3 -3.38 2.35 -7.91
N VAL A 4 -3.71 1.19 -7.33
CA VAL A 4 -4.94 1.05 -6.56
C VAL A 4 -4.66 1.14 -5.06
N TYR A 5 -5.33 2.07 -4.40
CA TYR A 5 -5.15 2.27 -2.96
C TYR A 5 -5.71 1.08 -2.17
N ARG A 6 -6.88 0.60 -2.59
CA ARG A 6 -7.53 -0.51 -1.92
C ARG A 6 -6.75 -1.81 -2.10
N THR A 7 -6.16 -1.98 -3.27
CA THR A 7 -5.38 -3.18 -3.56
C THR A 7 -4.05 -3.13 -2.83
N CYS A 8 -3.43 -1.96 -2.85
CA CYS A 8 -2.15 -1.78 -2.18
C CYS A 8 -2.32 -1.86 -0.68
N ASP A 9 -3.43 -1.30 -0.18
CA ASP A 9 -3.73 -1.30 1.24
C ASP A 9 -3.98 -2.72 1.73
N LYS A 10 -4.86 -3.44 1.05
CA LYS A 10 -5.19 -4.81 1.42
C LYS A 10 -3.96 -5.72 1.35
N ASP A 11 -3.27 -5.68 0.22
CA ASP A 11 -2.07 -6.49 0.03
C ASP A 11 -1.05 -6.21 1.13
N CYS A 12 -0.77 -4.94 1.34
CA CYS A 12 0.18 -4.54 2.37
C CYS A 12 -0.33 -4.91 3.76
N LYS A 13 -1.63 -4.75 3.97
CA LYS A 13 -2.23 -5.07 5.26
C LYS A 13 -1.94 -6.52 5.64
N ARG A 14 -2.15 -7.43 4.69
CA ARG A 14 -1.90 -8.84 4.92
C ARG A 14 -0.40 -9.12 5.00
N ARG A 15 0.42 -8.14 4.64
CA ARG A 15 1.87 -8.29 4.67
C ARG A 15 2.45 -7.78 6.00
N GLY A 16 1.59 -7.68 7.01
CA GLY A 16 2.04 -7.22 8.31
C GLY A 16 2.30 -5.73 8.35
N TYR A 17 1.38 -4.94 7.79
CA TYR A 17 1.54 -3.48 7.78
C TYR A 17 0.25 -2.81 8.24
N ARG A 18 0.25 -1.48 8.22
CA ARG A 18 -0.91 -0.71 8.65
C ARG A 18 -1.56 0.01 7.47
N SER A 19 -0.81 0.92 6.85
CA SER A 19 -1.33 1.69 5.71
C SER A 19 -0.20 2.42 4.99
N GLY A 20 -0.49 2.88 3.77
CA GLY A 20 0.51 3.59 3.00
C GLY A 20 -0.10 4.47 1.93
N LYS A 21 0.74 4.92 1.01
CA LYS A 21 0.29 5.78 -0.09
C LYS A 21 1.12 5.53 -1.35
N CYS A 22 0.62 6.01 -2.47
CA CYS A 22 1.32 5.84 -3.75
C CYS A 22 2.07 7.10 -4.14
N ILE A 23 3.40 7.05 -4.06
CA ILE A 23 4.24 8.18 -4.42
C ILE A 23 5.35 7.77 -5.37
N ASN A 24 5.65 8.63 -6.33
CA ASN A 24 6.69 8.36 -7.31
C ASN A 24 6.51 6.98 -7.94
N ASN A 25 5.32 6.75 -8.48
CA ASN A 25 4.98 5.48 -9.11
C ASN A 25 5.41 4.30 -8.24
N ALA A 26 5.40 4.52 -6.93
CA ALA A 26 5.78 3.47 -5.97
C ALA A 26 4.91 3.51 -4.73
N CYS A 27 4.21 2.43 -4.47
CA CYS A 27 3.33 2.34 -3.30
C CYS A 27 4.12 1.96 -2.05
N LYS A 28 4.25 2.91 -1.13
CA LYS A 28 4.98 2.67 0.11
C LYS A 28 4.04 2.72 1.32
N CYS A 29 4.05 1.65 2.11
CA CYS A 29 3.20 1.56 3.29
C CYS A 29 4.02 1.26 4.54
N TYR A 30 3.41 1.47 5.70
CA TYR A 30 4.09 1.22 6.97
C TYR A 30 3.19 0.46 7.94
N PRO A 31 3.80 -0.30 8.87
CA PRO A 31 3.07 -1.09 9.87
C PRO A 31 2.65 -0.25 11.08
N TYR A 32 2.05 -0.90 12.07
CA TYR A 32 1.61 -0.22 13.27
C TYR A 32 2.79 0.35 14.03
N ALA A 1 -1.94 -1.22 -16.00
CA ALA A 1 -2.98 -0.86 -15.01
C ALA A 1 -2.56 0.36 -14.21
N VAL A 2 -3.41 0.77 -13.27
CA VAL A 2 -3.12 1.93 -12.42
C VAL A 2 -2.92 1.51 -10.98
N CYS A 3 -2.13 2.29 -10.24
CA CYS A 3 -1.86 2.00 -8.84
C CYS A 3 -3.12 2.12 -8.00
N VAL A 4 -3.52 1.01 -7.38
CA VAL A 4 -4.71 0.99 -6.55
C VAL A 4 -4.34 1.09 -5.07
N TYR A 5 -4.86 2.12 -4.41
CA TYR A 5 -4.58 2.36 -2.99
C TYR A 5 -5.22 1.29 -2.11
N ARG A 6 -6.49 0.99 -2.39
CA ARG A 6 -7.22 0.00 -1.60
C ARG A 6 -6.67 -1.41 -1.78
N THR A 7 -6.35 -1.77 -3.01
CA THR A 7 -5.81 -3.10 -3.29
C THR A 7 -4.39 -3.20 -2.77
N CYS A 8 -3.63 -2.13 -2.95
CA CYS A 8 -2.25 -2.10 -2.50
C CYS A 8 -2.19 -2.07 -0.97
N ASP A 9 -3.08 -1.28 -0.38
CA ASP A 9 -3.15 -1.15 1.07
C ASP A 9 -3.50 -2.49 1.71
N LYS A 10 -4.52 -3.15 1.16
CA LYS A 10 -4.97 -4.44 1.67
C LYS A 10 -3.89 -5.50 1.47
N ASP A 11 -3.26 -5.50 0.30
CA ASP A 11 -2.22 -6.47 -0.01
C ASP A 11 -1.09 -6.39 1.01
N CYS A 12 -0.59 -5.17 1.23
CA CYS A 12 0.50 -4.96 2.17
C CYS A 12 0.01 -5.15 3.61
N LYS A 13 -1.18 -4.63 3.91
CA LYS A 13 -1.74 -4.75 5.25
C LYS A 13 -1.81 -6.20 5.68
N ARG A 14 -2.14 -7.08 4.74
CA ARG A 14 -2.24 -8.50 5.01
C ARG A 14 -0.87 -9.09 5.31
N ARG A 15 0.18 -8.46 4.78
CA ARG A 15 1.54 -8.94 5.00
C ARG A 15 2.01 -8.59 6.41
N GLY A 16 1.70 -7.37 6.84
CA GLY A 16 2.09 -6.94 8.17
C GLY A 16 2.23 -5.43 8.26
N TYR A 17 1.27 -4.72 7.68
CA TYR A 17 1.29 -3.25 7.71
C TYR A 17 -0.05 -2.69 8.16
N ARG A 18 -0.11 -1.36 8.30
CA ARG A 18 -1.34 -0.70 8.73
C ARG A 18 -1.84 0.29 7.69
N SER A 19 -0.92 0.91 6.95
CA SER A 19 -1.31 1.88 5.93
C SER A 19 -0.28 1.94 4.80
N GLY A 20 -0.55 2.79 3.82
CA GLY A 20 0.35 2.94 2.68
C GLY A 20 -0.22 3.84 1.61
N LYS A 21 0.65 4.36 0.75
CA LYS A 21 0.23 5.24 -0.33
C LYS A 21 1.10 5.05 -1.57
N CYS A 22 0.69 5.67 -2.67
CA CYS A 22 1.44 5.58 -3.93
C CYS A 22 2.15 6.88 -4.23
N ILE A 23 3.36 7.03 -3.72
CA ILE A 23 4.15 8.24 -3.94
C ILE A 23 5.23 8.02 -4.98
N ASN A 24 5.41 9.01 -5.85
CA ASN A 24 6.42 8.94 -6.91
C ASN A 24 6.29 7.65 -7.71
N ASN A 25 5.06 7.31 -8.05
CA ASN A 25 4.78 6.09 -8.82
C ASN A 25 5.26 4.86 -8.06
N ALA A 26 5.27 4.95 -6.73
CA ALA A 26 5.70 3.85 -5.89
C ALA A 26 4.76 3.67 -4.70
N CYS A 27 4.27 2.45 -4.51
CA CYS A 27 3.37 2.15 -3.41
C CYS A 27 4.13 1.79 -2.15
N LYS A 28 4.19 2.72 -1.21
CA LYS A 28 4.90 2.50 0.05
C LYS A 28 3.91 2.35 1.20
N CYS A 29 4.08 1.27 1.97
CA CYS A 29 3.20 1.01 3.10
C CYS A 29 3.99 1.00 4.42
N TYR A 30 3.32 1.35 5.51
CA TYR A 30 3.96 1.39 6.82
C TYR A 30 3.14 0.60 7.84
N PRO A 31 3.82 -0.10 8.77
CA PRO A 31 3.16 -0.89 9.81
C PRO A 31 2.82 -0.06 11.05
N TYR A 32 2.13 -0.67 11.99
CA TYR A 32 1.76 0.01 13.23
C TYR A 32 2.99 0.35 14.06
N ALA A 1 -1.94 -2.16 -15.65
CA ALA A 1 -2.95 -1.59 -14.73
C ALA A 1 -2.42 -0.33 -14.05
N VAL A 2 -3.26 0.28 -13.20
CA VAL A 2 -2.87 1.49 -12.49
C VAL A 2 -2.79 1.23 -11.00
N CYS A 3 -2.03 2.06 -10.29
CA CYS A 3 -1.86 1.92 -8.85
C CYS A 3 -3.21 2.04 -8.14
N VAL A 4 -3.61 0.98 -7.45
CA VAL A 4 -4.88 0.97 -6.73
C VAL A 4 -4.65 1.02 -5.22
N TYR A 5 -5.19 2.04 -4.57
CA TYR A 5 -5.04 2.20 -3.13
C TYR A 5 -5.69 1.05 -2.38
N ARG A 6 -6.83 0.60 -2.86
CA ARG A 6 -7.56 -0.48 -2.22
C ARG A 6 -6.82 -1.81 -2.35
N THR A 7 -6.19 -2.02 -3.51
CA THR A 7 -5.44 -3.25 -3.75
C THR A 7 -4.15 -3.22 -2.95
N CYS A 8 -3.48 -2.08 -2.97
CA CYS A 8 -2.23 -1.91 -2.25
C CYS A 8 -2.49 -1.89 -0.75
N ASP A 9 -3.62 -1.29 -0.36
CA ASP A 9 -3.99 -1.20 1.05
C ASP A 9 -4.27 -2.59 1.60
N LYS A 10 -5.08 -3.37 0.89
CA LYS A 10 -5.42 -4.71 1.32
C LYS A 10 -4.18 -5.61 1.35
N ASP A 11 -3.38 -5.54 0.30
CA ASP A 11 -2.16 -6.33 0.23
C ASP A 11 -1.23 -5.96 1.38
N CYS A 12 -1.21 -4.67 1.68
CA CYS A 12 -0.37 -4.15 2.75
C CYS A 12 -0.86 -4.60 4.12
N LYS A 13 -2.14 -4.34 4.41
CA LYS A 13 -2.71 -4.73 5.69
C LYS A 13 -2.62 -6.24 5.89
N ARG A 14 -2.64 -6.99 4.79
CA ARG A 14 -2.55 -8.43 4.85
C ARG A 14 -1.10 -8.91 4.81
N ARG A 15 -0.19 -7.98 4.50
CA ARG A 15 1.24 -8.31 4.44
C ARG A 15 1.94 -7.94 5.74
N GLY A 16 1.17 -7.87 6.82
CA GLY A 16 1.74 -7.52 8.12
C GLY A 16 2.18 -6.07 8.19
N TYR A 17 1.34 -5.16 7.68
CA TYR A 17 1.66 -3.74 7.70
C TYR A 17 0.50 -2.94 8.27
N ARG A 18 0.68 -1.62 8.36
CA ARG A 18 -0.36 -0.74 8.88
C ARG A 18 -1.11 -0.04 7.76
N SER A 19 -0.39 0.70 6.93
CA SER A 19 -1.01 1.42 5.83
C SER A 19 -0.02 1.67 4.70
N GLY A 20 -0.46 2.39 3.67
CA GLY A 20 0.41 2.68 2.54
C GLY A 20 -0.15 3.76 1.64
N LYS A 21 0.68 4.28 0.75
CA LYS A 21 0.27 5.33 -0.17
C LYS A 21 1.11 5.29 -1.45
N CYS A 22 0.51 5.69 -2.56
CA CYS A 22 1.21 5.70 -3.84
C CYS A 22 1.86 7.06 -4.09
N ILE A 23 3.16 7.15 -3.77
CA ILE A 23 3.90 8.38 -3.96
C ILE A 23 5.16 8.14 -4.78
N ASN A 24 5.52 9.13 -5.61
CA ASN A 24 6.71 9.02 -6.45
C ASN A 24 6.68 7.75 -7.30
N ASN A 25 5.49 7.40 -7.76
CA ASN A 25 5.30 6.20 -8.58
C ASN A 25 5.65 4.94 -7.79
N ALA A 26 5.46 5.01 -6.48
CA ALA A 26 5.74 3.87 -5.61
C ALA A 26 4.79 3.82 -4.43
N CYS A 27 4.26 2.64 -4.14
CA CYS A 27 3.32 2.46 -3.04
C CYS A 27 4.07 2.30 -1.72
N LYS A 28 4.36 3.42 -1.06
CA LYS A 28 5.06 3.40 0.22
C LYS A 28 4.15 2.92 1.33
N CYS A 29 4.53 1.83 1.98
CA CYS A 29 3.74 1.27 3.06
C CYS A 29 4.42 1.47 4.42
N TYR A 30 3.63 1.85 5.42
CA TYR A 30 4.14 2.07 6.76
C TYR A 30 3.67 0.96 7.71
N PRO A 31 4.58 0.45 8.56
CA PRO A 31 4.25 -0.61 9.52
C PRO A 31 3.60 -0.06 10.79
N TYR A 32 2.82 -0.90 11.46
CA TYR A 32 2.14 -0.51 12.69
C TYR A 32 3.12 -0.47 13.85
N ALA A 1 -1.29 -2.53 -15.71
CA ALA A 1 -2.10 -1.97 -14.58
C ALA A 1 -1.29 -0.95 -13.79
N VAL A 2 -1.98 0.07 -13.28
CA VAL A 2 -1.33 1.12 -12.50
C VAL A 2 -1.58 0.93 -11.01
N CYS A 3 -0.84 1.66 -10.19
CA CYS A 3 -0.98 1.58 -8.75
C CYS A 3 -2.30 2.18 -8.29
N VAL A 4 -3.10 1.37 -7.59
CA VAL A 4 -4.40 1.83 -7.10
C VAL A 4 -4.39 1.95 -5.57
N TYR A 5 -5.22 2.85 -5.05
CA TYR A 5 -5.31 3.06 -3.61
C TYR A 5 -5.85 1.82 -2.90
N ARG A 6 -6.96 1.30 -3.41
CA ARG A 6 -7.59 0.12 -2.83
C ARG A 6 -6.69 -1.11 -2.96
N THR A 7 -5.97 -1.20 -4.08
CA THR A 7 -5.07 -2.32 -4.31
C THR A 7 -3.82 -2.18 -3.46
N CYS A 8 -3.32 -0.95 -3.37
CA CYS A 8 -2.14 -0.67 -2.58
C CYS A 8 -2.45 -0.82 -1.10
N ASP A 9 -3.64 -0.37 -0.71
CA ASP A 9 -4.06 -0.46 0.68
C ASP A 9 -4.24 -1.92 1.11
N LYS A 10 -4.98 -2.68 0.31
CA LYS A 10 -5.21 -4.09 0.61
C LYS A 10 -3.90 -4.88 0.65
N ASP A 11 -3.09 -4.71 -0.39
CA ASP A 11 -1.81 -5.40 -0.46
C ASP A 11 -0.96 -5.04 0.76
N CYS A 12 -0.96 -3.77 1.10
CA CYS A 12 -0.19 -3.28 2.24
C CYS A 12 -0.71 -3.86 3.55
N LYS A 13 -2.00 -3.74 3.78
CA LYS A 13 -2.60 -4.26 5.01
C LYS A 13 -2.45 -5.79 5.10
N ARG A 14 -2.31 -6.43 3.94
CA ARG A 14 -2.17 -7.88 3.91
C ARG A 14 -0.69 -8.28 3.85
N ARG A 15 0.21 -7.32 4.00
CA ARG A 15 1.64 -7.60 3.98
C ARG A 15 2.27 -7.41 5.35
N GLY A 16 1.46 -7.59 6.40
CA GLY A 16 1.96 -7.43 7.75
C GLY A 16 2.31 -6.01 8.08
N TYR A 17 1.37 -5.09 7.85
CA TYR A 17 1.60 -3.68 8.12
C TYR A 17 0.39 -3.06 8.83
N ARG A 18 0.51 -1.79 9.19
CA ARG A 18 -0.58 -1.09 9.87
C ARG A 18 -1.16 0.00 8.98
N SER A 19 -0.35 0.53 8.07
CA SER A 19 -0.82 1.58 7.16
C SER A 19 -0.10 1.50 5.81
N GLY A 20 -0.67 2.17 4.82
CA GLY A 20 -0.08 2.16 3.49
C GLY A 20 -0.53 3.35 2.66
N LYS A 21 0.24 3.66 1.62
CA LYS A 21 -0.10 4.79 0.75
C LYS A 21 0.67 4.71 -0.56
N CYS A 22 -0.03 4.88 -1.67
CA CYS A 22 0.59 4.83 -2.99
C CYS A 22 1.07 6.21 -3.41
N ILE A 23 2.40 6.36 -3.53
CA ILE A 23 2.99 7.63 -3.93
C ILE A 23 4.00 7.42 -5.05
N ASN A 24 3.98 8.32 -6.04
CA ASN A 24 4.90 8.23 -7.17
C ASN A 24 4.92 6.82 -7.75
N ASN A 25 3.77 6.35 -8.16
CA ASN A 25 3.62 5.01 -8.73
C ASN A 25 4.35 3.97 -7.90
N ALA A 26 4.43 4.23 -6.59
CA ALA A 26 5.11 3.31 -5.67
C ALA A 26 4.28 3.09 -4.41
N CYS A 27 3.73 1.89 -4.27
CA CYS A 27 2.90 1.54 -3.12
C CYS A 27 3.75 1.49 -1.85
N LYS A 28 3.61 2.51 -1.01
CA LYS A 28 4.37 2.57 0.24
C LYS A 28 3.60 1.89 1.37
N CYS A 29 4.33 1.54 2.44
CA CYS A 29 3.72 0.87 3.57
C CYS A 29 4.23 1.45 4.89
N TYR A 30 3.51 1.18 5.98
CA TYR A 30 3.89 1.67 7.29
C TYR A 30 3.64 0.60 8.35
N PRO A 31 4.70 0.05 8.95
CA PRO A 31 4.58 -0.99 9.98
C PRO A 31 4.25 -0.41 11.35
N TYR A 32 4.34 -1.24 12.39
CA TYR A 32 4.04 -0.81 13.75
C TYR A 32 5.30 -0.27 14.42
N ALA A 1 -2.34 -0.37 -16.12
CA ALA A 1 -2.90 -0.49 -14.74
C ALA A 1 -2.12 0.37 -13.76
N VAL A 2 -2.63 1.58 -13.52
CA VAL A 2 -1.99 2.51 -12.60
C VAL A 2 -1.99 1.97 -11.18
N CYS A 3 -1.16 2.57 -10.33
CA CYS A 3 -1.06 2.16 -8.93
C CYS A 3 -2.42 2.22 -8.24
N VAL A 4 -2.89 1.07 -7.77
CA VAL A 4 -4.18 0.99 -7.09
C VAL A 4 -4.01 1.03 -5.57
N TYR A 5 -4.38 2.15 -4.97
CA TYR A 5 -4.26 2.32 -3.53
C TYR A 5 -5.06 1.26 -2.76
N ARG A 6 -6.23 0.94 -3.27
CA ARG A 6 -7.09 -0.06 -2.63
C ARG A 6 -6.48 -1.45 -2.69
N THR A 7 -5.88 -1.79 -3.84
CA THR A 7 -5.26 -3.09 -4.00
C THR A 7 -3.95 -3.15 -3.22
N CYS A 8 -3.21 -2.06 -3.28
CA CYS A 8 -1.93 -1.97 -2.56
C CYS A 8 -2.18 -1.93 -1.06
N ASP A 9 -3.23 -1.21 -0.67
CA ASP A 9 -3.58 -1.09 0.74
C ASP A 9 -4.00 -2.44 1.31
N LYS A 10 -4.93 -3.10 0.64
CA LYS A 10 -5.42 -4.40 1.08
C LYS A 10 -4.29 -5.43 1.12
N ASP A 11 -3.58 -5.56 0.01
CA ASP A 11 -2.47 -6.49 -0.08
C ASP A 11 -1.48 -6.26 1.05
N CYS A 12 -1.10 -5.01 1.24
CA CYS A 12 -0.17 -4.65 2.29
C CYS A 12 -0.80 -4.83 3.66
N LYS A 13 -2.11 -4.58 3.75
CA LYS A 13 -2.83 -4.73 5.01
C LYS A 13 -2.66 -6.14 5.55
N ARG A 14 -2.86 -7.12 4.69
CA ARG A 14 -2.72 -8.53 5.07
C ARG A 14 -1.26 -8.97 5.05
N ARG A 15 -0.36 -8.04 4.76
CA ARG A 15 1.07 -8.34 4.70
C ARG A 15 1.77 -7.94 6.00
N GLY A 16 0.99 -7.66 7.04
CA GLY A 16 1.57 -7.26 8.31
C GLY A 16 2.00 -5.82 8.36
N TYR A 17 1.10 -4.91 7.97
CA TYR A 17 1.40 -3.49 7.97
C TYR A 17 0.27 -2.70 8.62
N ARG A 18 0.51 -1.42 8.88
CA ARG A 18 -0.50 -0.57 9.51
C ARG A 18 -1.12 0.39 8.50
N SER A 19 -0.27 1.16 7.82
CA SER A 19 -0.75 2.12 6.83
C SER A 19 0.37 2.55 5.89
N GLY A 20 -0.01 3.01 4.70
CA GLY A 20 0.99 3.44 3.73
C GLY A 20 0.46 4.47 2.76
N LYS A 21 1.17 4.65 1.66
CA LYS A 21 0.77 5.61 0.64
C LYS A 21 1.27 5.18 -0.74
N CYS A 22 0.42 5.38 -1.75
CA CYS A 22 0.78 5.01 -3.11
C CYS A 22 1.29 6.21 -3.88
N ILE A 23 2.61 6.31 -4.03
CA ILE A 23 3.22 7.43 -4.74
C ILE A 23 2.93 7.32 -6.24
N ASN A 24 2.99 8.47 -6.91
CA ASN A 24 2.72 8.53 -8.36
C ASN A 24 3.34 7.35 -9.10
N ASN A 25 4.41 6.83 -8.56
CA ASN A 25 5.11 5.70 -9.17
C ASN A 25 5.86 4.88 -8.13
N ALA A 26 5.27 4.73 -6.96
CA ALA A 26 5.90 3.96 -5.88
C ALA A 26 4.98 3.79 -4.68
N CYS A 27 4.53 2.56 -4.45
CA CYS A 27 3.66 2.27 -3.31
C CYS A 27 4.46 1.76 -2.14
N LYS A 28 4.31 2.38 -0.98
CA LYS A 28 5.04 1.98 0.22
C LYS A 28 4.19 2.13 1.48
N CYS A 29 4.25 1.13 2.35
CA CYS A 29 3.50 1.13 3.60
C CYS A 29 4.42 0.83 4.78
N TYR A 30 3.90 1.06 5.99
CA TYR A 30 4.67 0.82 7.20
C TYR A 30 3.80 0.24 8.30
N PRO A 31 4.39 -0.58 9.20
CA PRO A 31 3.66 -1.20 10.31
C PRO A 31 3.43 -0.24 11.46
N TYR A 32 2.91 -0.76 12.57
CA TYR A 32 2.65 0.06 13.75
C TYR A 32 3.95 0.67 14.29
N ALA A 1 -3.20 -2.19 -16.03
CA ALA A 1 -3.83 -1.25 -15.06
C ALA A 1 -2.77 -0.43 -14.33
N VAL A 2 -3.22 0.46 -13.45
CA VAL A 2 -2.31 1.31 -12.68
C VAL A 2 -2.37 0.97 -11.20
N CYS A 3 -1.42 1.51 -10.45
CA CYS A 3 -1.35 1.28 -9.01
C CYS A 3 -2.61 1.80 -8.31
N VAL A 4 -3.08 1.05 -7.32
CA VAL A 4 -4.25 1.43 -6.56
C VAL A 4 -3.92 1.60 -5.09
N TYR A 5 -4.34 2.71 -4.51
CA TYR A 5 -4.08 2.99 -3.10
C TYR A 5 -4.74 1.96 -2.20
N ARG A 6 -6.02 1.66 -2.47
CA ARG A 6 -6.77 0.70 -1.67
C ARG A 6 -6.27 -0.73 -1.88
N THR A 7 -5.95 -1.06 -3.13
CA THR A 7 -5.47 -2.39 -3.45
C THR A 7 -4.05 -2.59 -2.92
N CYS A 8 -3.25 -1.56 -3.06
CA CYS A 8 -1.87 -1.60 -2.59
C CYS A 8 -1.83 -1.62 -1.07
N ASP A 9 -2.67 -0.79 -0.45
CA ASP A 9 -2.75 -0.70 1.00
C ASP A 9 -3.20 -2.03 1.59
N LYS A 10 -4.25 -2.62 1.00
CA LYS A 10 -4.76 -3.89 1.47
C LYS A 10 -3.76 -5.01 1.24
N ASP A 11 -3.07 -4.98 0.10
CA ASP A 11 -2.08 -5.99 -0.22
C ASP A 11 -0.99 -6.02 0.84
N CYS A 12 -0.41 -4.85 1.11
CA CYS A 12 0.65 -4.75 2.10
C CYS A 12 0.09 -4.96 3.52
N LYS A 13 -1.04 -4.32 3.80
CA LYS A 13 -1.67 -4.44 5.12
C LYS A 13 -1.92 -5.90 5.48
N ARG A 14 -2.39 -6.68 4.50
CA ARG A 14 -2.67 -8.08 4.72
C ARG A 14 -1.38 -8.88 4.94
N ARG A 15 -0.25 -8.30 4.53
CA ARG A 15 1.04 -8.95 4.69
C ARG A 15 1.58 -8.74 6.10
N GLY A 16 1.66 -7.49 6.52
CA GLY A 16 2.15 -7.17 7.85
C GLY A 16 2.26 -5.69 8.10
N TYR A 17 1.31 -4.93 7.58
CA TYR A 17 1.30 -3.48 7.75
C TYR A 17 -0.07 -2.98 8.22
N ARG A 18 -0.15 -1.70 8.55
CA ARG A 18 -1.39 -1.12 9.03
C ARG A 18 -1.90 -0.04 8.07
N SER A 19 -0.98 0.67 7.42
CA SER A 19 -1.35 1.72 6.50
C SER A 19 -0.38 1.79 5.31
N GLY A 20 -0.58 2.78 4.45
CA GLY A 20 0.29 2.94 3.30
C GLY A 20 -0.32 3.81 2.21
N LYS A 21 0.53 4.33 1.33
CA LYS A 21 0.06 5.19 0.25
C LYS A 21 0.85 4.90 -1.03
N CYS A 22 0.17 4.97 -2.17
CA CYS A 22 0.81 4.72 -3.45
C CYS A 22 1.28 6.02 -4.09
N ILE A 23 2.59 6.23 -4.10
CA ILE A 23 3.17 7.43 -4.69
C ILE A 23 3.15 7.35 -6.21
N ASN A 24 3.16 8.50 -6.86
CA ASN A 24 3.13 8.57 -8.32
C ASN A 24 4.06 7.56 -8.98
N ASN A 25 5.07 7.12 -8.25
CA ASN A 25 6.03 6.15 -8.79
C ASN A 25 6.63 5.27 -7.71
N ALA A 26 5.86 5.02 -6.64
CA ALA A 26 6.36 4.18 -5.55
C ALA A 26 5.30 3.99 -4.46
N CYS A 27 4.94 2.74 -4.19
CA CYS A 27 3.95 2.44 -3.15
C CYS A 27 4.65 2.06 -1.85
N LYS A 28 4.38 2.82 -0.80
CA LYS A 28 4.98 2.56 0.51
C LYS A 28 3.91 2.35 1.57
N CYS A 29 4.15 1.37 2.44
CA CYS A 29 3.21 1.06 3.52
C CYS A 29 3.89 1.20 4.88
N TYR A 30 3.08 1.47 5.90
CA TYR A 30 3.61 1.63 7.25
C TYR A 30 3.08 0.53 8.19
N PRO A 31 3.98 -0.08 8.99
CA PRO A 31 3.60 -1.15 9.92
C PRO A 31 3.03 -0.60 11.23
N TYR A 32 2.54 -1.51 12.07
CA TYR A 32 1.97 -1.11 13.36
C TYR A 32 3.06 -0.72 14.34
N ALA A 1 -2.83 -3.65 -14.73
CA ALA A 1 -3.47 -2.71 -13.77
C ALA A 1 -2.49 -1.63 -13.33
N VAL A 2 -3.04 -0.55 -12.76
CA VAL A 2 -2.22 0.56 -12.29
C VAL A 2 -2.14 0.59 -10.78
N CYS A 3 -1.24 1.42 -10.26
CA CYS A 3 -1.07 1.54 -8.82
C CYS A 3 -2.23 2.29 -8.19
N VAL A 4 -2.95 1.62 -7.29
CA VAL A 4 -4.09 2.22 -6.61
C VAL A 4 -3.86 2.31 -5.11
N TYR A 5 -4.48 3.30 -4.48
CA TYR A 5 -4.35 3.50 -3.05
C TYR A 5 -4.97 2.34 -2.27
N ARG A 6 -6.17 1.94 -2.68
CA ARG A 6 -6.88 0.84 -2.02
C ARG A 6 -6.17 -0.48 -2.28
N THR A 7 -5.60 -0.64 -3.47
CA THR A 7 -4.91 -1.86 -3.82
C THR A 7 -3.58 -1.93 -3.10
N CYS A 8 -2.86 -0.81 -3.11
CA CYS A 8 -1.57 -0.72 -2.44
C CYS A 8 -1.74 -0.94 -0.94
N ASP A 9 -2.77 -0.30 -0.38
CA ASP A 9 -3.06 -0.42 1.03
C ASP A 9 -3.39 -1.86 1.41
N LYS A 10 -4.32 -2.46 0.67
CA LYS A 10 -4.73 -3.83 0.92
C LYS A 10 -3.56 -4.80 0.71
N ASP A 11 -2.82 -4.60 -0.36
CA ASP A 11 -1.68 -5.46 -0.68
C ASP A 11 -0.70 -5.50 0.49
N CYS A 12 -0.33 -4.33 0.97
CA CYS A 12 0.61 -4.23 2.08
C CYS A 12 -0.03 -4.68 3.39
N LYS A 13 -1.25 -4.23 3.65
CA LYS A 13 -1.96 -4.59 4.87
C LYS A 13 -1.93 -6.09 5.10
N ARG A 14 -2.30 -6.85 4.07
CA ARG A 14 -2.31 -8.30 4.17
C ARG A 14 -0.90 -8.85 4.36
N ARG A 15 0.10 -8.07 3.95
CA ARG A 15 1.49 -8.48 4.09
C ARG A 15 1.94 -8.41 5.55
N GLY A 16 1.19 -7.67 6.36
CA GLY A 16 1.51 -7.53 7.77
C GLY A 16 1.91 -6.11 8.13
N TYR A 17 1.19 -5.14 7.58
CA TYR A 17 1.47 -3.74 7.86
C TYR A 17 0.26 -3.04 8.47
N ARG A 18 0.42 -1.76 8.78
CA ARG A 18 -0.67 -0.98 9.38
C ARG A 18 -1.51 -0.29 8.32
N SER A 19 -0.85 0.44 7.42
CA SER A 19 -1.55 1.16 6.36
C SER A 19 -0.67 1.33 5.14
N GLY A 20 -1.28 1.62 4.00
CA GLY A 20 -0.54 1.81 2.78
C GLY A 20 -1.07 2.95 1.93
N LYS A 21 -0.25 3.42 0.99
CA LYS A 21 -0.65 4.52 0.12
C LYS A 21 0.28 4.63 -1.08
N CYS A 22 -0.30 4.64 -2.28
CA CYS A 22 0.47 4.74 -3.51
C CYS A 22 1.05 6.13 -3.68
N ILE A 23 2.36 6.26 -3.46
CA ILE A 23 3.04 7.53 -3.58
C ILE A 23 4.24 7.43 -4.52
N ASN A 24 4.44 8.47 -5.33
CA ASN A 24 5.55 8.49 -6.28
C ASN A 24 5.59 7.20 -7.10
N ASN A 25 4.47 6.88 -7.71
CA ASN A 25 4.35 5.67 -8.53
C ASN A 25 4.94 4.46 -7.82
N ALA A 26 4.87 4.48 -6.49
CA ALA A 26 5.39 3.38 -5.68
C ALA A 26 4.53 3.14 -4.45
N CYS A 27 4.15 1.89 -4.23
CA CYS A 27 3.32 1.51 -3.10
C CYS A 27 4.06 1.78 -1.78
N LYS A 28 3.68 2.86 -1.10
CA LYS A 28 4.31 3.24 0.16
C LYS A 28 3.38 2.96 1.34
N CYS A 29 3.79 2.07 2.22
CA CYS A 29 2.97 1.71 3.38
C CYS A 29 3.80 1.69 4.66
N TYR A 30 3.11 1.76 5.80
CA TYR A 30 3.77 1.76 7.10
C TYR A 30 3.30 0.56 7.93
N PRO A 31 4.23 -0.15 8.58
CA PRO A 31 3.92 -1.32 9.40
C PRO A 31 3.46 -0.95 10.81
N TYR A 32 4.17 0.01 11.40
CA TYR A 32 3.89 0.50 12.76
C TYR A 32 2.45 0.22 13.19
N ALA A 1 -1.35 -4.41 -13.98
CA ALA A 1 -2.25 -3.59 -13.13
C ALA A 1 -1.57 -2.28 -12.73
N VAL A 2 -2.37 -1.23 -12.58
CA VAL A 2 -1.85 0.08 -12.20
C VAL A 2 -1.85 0.25 -10.69
N CYS A 3 -1.20 1.32 -10.24
CA CYS A 3 -1.12 1.61 -8.81
C CYS A 3 -2.43 2.20 -8.30
N VAL A 4 -3.07 1.50 -7.36
CA VAL A 4 -4.33 1.96 -6.79
C VAL A 4 -4.21 2.13 -5.28
N TYR A 5 -5.05 3.01 -4.73
CA TYR A 5 -5.04 3.27 -3.30
C TYR A 5 -5.60 2.08 -2.53
N ARG A 6 -6.74 1.58 -2.97
CA ARG A 6 -7.38 0.44 -2.32
C ARG A 6 -6.54 -0.82 -2.48
N THR A 7 -5.92 -0.99 -3.64
CA THR A 7 -5.09 -2.15 -3.91
C THR A 7 -3.79 -2.05 -3.12
N CYS A 8 -3.26 -0.83 -3.04
CA CYS A 8 -2.03 -0.59 -2.31
C CYS A 8 -2.26 -0.75 -0.82
N ASP A 9 -3.38 -0.20 -0.35
CA ASP A 9 -3.73 -0.29 1.06
C ASP A 9 -3.94 -1.74 1.48
N LYS A 10 -4.68 -2.48 0.66
CA LYS A 10 -4.96 -3.88 0.94
C LYS A 10 -3.68 -4.71 0.93
N ASP A 11 -2.84 -4.48 -0.08
CA ASP A 11 -1.58 -5.21 -0.18
C ASP A 11 -0.73 -4.97 1.05
N CYS A 12 -0.70 -3.71 1.49
CA CYS A 12 0.08 -3.34 2.66
C CYS A 12 -0.48 -3.99 3.94
N LYS A 13 -1.77 -3.80 4.18
CA LYS A 13 -2.40 -4.36 5.37
C LYS A 13 -2.33 -5.88 5.37
N ARG A 14 -2.40 -6.47 4.17
CA ARG A 14 -2.35 -7.92 4.03
C ARG A 14 -0.91 -8.41 4.00
N ARG A 15 0.05 -7.49 4.14
CA ARG A 15 1.46 -7.85 4.14
C ARG A 15 2.06 -7.70 5.53
N GLY A 16 1.23 -7.92 6.54
CA GLY A 16 1.69 -7.80 7.92
C GLY A 16 2.16 -6.40 8.25
N TYR A 17 1.44 -5.40 7.77
CA TYR A 17 1.79 -4.01 8.02
C TYR A 17 0.57 -3.23 8.51
N ARG A 18 0.75 -1.91 8.66
CA ARG A 18 -0.33 -1.05 9.13
C ARG A 18 -1.12 -0.45 7.97
N SER A 19 -0.45 0.38 7.17
CA SER A 19 -1.10 1.02 6.04
C SER A 19 -0.07 1.68 5.12
N GLY A 20 -0.48 1.95 3.89
CA GLY A 20 0.42 2.56 2.92
C GLY A 20 -0.27 3.60 2.05
N LYS A 21 0.33 3.89 0.91
CA LYS A 21 -0.22 4.87 -0.02
C LYS A 21 0.62 4.95 -1.29
N CYS A 22 -0.05 5.13 -2.42
CA CYS A 22 0.63 5.21 -3.71
C CYS A 22 1.33 6.57 -3.86
N ILE A 23 2.53 6.67 -3.32
CA ILE A 23 3.30 7.90 -3.39
C ILE A 23 4.36 7.84 -4.48
N ASN A 24 4.48 8.91 -5.26
CA ASN A 24 5.46 8.97 -6.34
C ASN A 24 5.35 7.75 -7.25
N ASN A 25 4.12 7.40 -7.60
CA ASN A 25 3.87 6.26 -8.48
C ASN A 25 4.40 4.97 -7.84
N ALA A 26 4.46 4.96 -6.51
CA ALA A 26 4.95 3.79 -5.78
C ALA A 26 4.08 3.51 -4.56
N CYS A 27 3.75 2.24 -4.35
CA CYS A 27 2.93 1.84 -3.21
C CYS A 27 3.77 1.78 -1.94
N LYS A 28 3.89 2.91 -1.26
CA LYS A 28 4.65 2.98 -0.02
C LYS A 28 3.82 2.48 1.16
N CYS A 29 4.20 1.33 1.69
CA CYS A 29 3.49 0.74 2.82
C CYS A 29 4.19 1.05 4.14
N TYR A 30 3.44 0.99 5.23
CA TYR A 30 3.97 1.26 6.55
C TYR A 30 3.53 0.20 7.55
N PRO A 31 4.47 -0.31 8.37
CA PRO A 31 4.17 -1.35 9.37
C PRO A 31 3.34 -0.81 10.53
N TYR A 32 3.14 -1.66 11.54
CA TYR A 32 2.37 -1.27 12.72
C TYR A 32 3.28 -1.02 13.91
N ALA A 1 -2.23 -1.87 -16.12
CA ALA A 1 -2.93 -1.34 -14.92
C ALA A 1 -2.10 -0.26 -14.23
N VAL A 2 -2.71 0.44 -13.28
CA VAL A 2 -2.02 1.50 -12.54
C VAL A 2 -2.00 1.20 -11.06
N CYS A 3 -1.21 1.98 -10.32
CA CYS A 3 -1.10 1.81 -8.88
C CYS A 3 -2.42 2.10 -8.19
N VAL A 4 -2.96 1.09 -7.52
CA VAL A 4 -4.22 1.24 -6.80
C VAL A 4 -3.99 1.39 -5.31
N TYR A 5 -4.62 2.39 -4.70
CA TYR A 5 -4.48 2.64 -3.27
C TYR A 5 -5.16 1.56 -2.44
N ARG A 6 -6.38 1.20 -2.82
CA ARG A 6 -7.15 0.19 -2.11
C ARG A 6 -6.55 -1.21 -2.29
N THR A 7 -6.03 -1.49 -3.48
CA THR A 7 -5.44 -2.78 -3.77
C THR A 7 -4.07 -2.89 -3.11
N CYS A 8 -3.31 -1.80 -3.19
CA CYS A 8 -1.99 -1.77 -2.58
C CYS A 8 -2.09 -1.76 -1.07
N ASP A 9 -3.12 -1.09 -0.57
CA ASP A 9 -3.35 -1.00 0.87
C ASP A 9 -3.75 -2.35 1.44
N LYS A 10 -4.73 -2.98 0.80
CA LYS A 10 -5.20 -4.30 1.24
C LYS A 10 -4.10 -5.34 1.16
N ASP A 11 -3.48 -5.44 -0.02
CA ASP A 11 -2.40 -6.40 -0.24
C ASP A 11 -1.28 -6.18 0.77
N CYS A 12 -0.83 -4.93 0.88
CA CYS A 12 0.24 -4.58 1.79
C CYS A 12 -0.20 -4.80 3.24
N LYS A 13 -1.46 -4.49 3.52
CA LYS A 13 -2.00 -4.65 4.87
C LYS A 13 -1.91 -6.11 5.30
N ARG A 14 -2.21 -7.02 4.38
CA ARG A 14 -2.14 -8.44 4.67
C ARG A 14 -0.71 -8.94 4.74
N ARG A 15 0.25 -8.06 4.42
CA ARG A 15 1.66 -8.41 4.46
C ARG A 15 2.30 -7.99 5.77
N GLY A 16 1.48 -7.83 6.80
CA GLY A 16 1.98 -7.43 8.10
C GLY A 16 2.31 -5.95 8.19
N TYR A 17 1.35 -5.12 7.80
CA TYR A 17 1.53 -3.68 7.83
C TYR A 17 0.30 -2.98 8.39
N ARG A 18 0.42 -1.67 8.64
CA ARG A 18 -0.71 -0.91 9.18
C ARG A 18 -1.37 -0.07 8.09
N SER A 19 -0.60 0.82 7.48
CA SER A 19 -1.13 1.69 6.43
C SER A 19 -0.23 1.67 5.19
N GLY A 20 -0.68 2.36 4.15
CA GLY A 20 0.10 2.41 2.92
C GLY A 20 -0.34 3.54 2.01
N LYS A 21 0.53 3.92 1.08
CA LYS A 21 0.23 5.01 0.15
C LYS A 21 1.04 4.84 -1.14
N CYS A 22 0.61 5.55 -2.19
CA CYS A 22 1.29 5.49 -3.48
C CYS A 22 1.79 6.87 -3.89
N ILE A 23 3.11 7.01 -4.01
CA ILE A 23 3.72 8.28 -4.39
C ILE A 23 4.73 8.08 -5.52
N ASN A 24 4.55 8.84 -6.59
CA ASN A 24 5.45 8.77 -7.75
C ASN A 24 5.72 7.32 -8.15
N ASN A 25 4.65 6.62 -8.49
CA ASN A 25 4.75 5.22 -8.91
C ASN A 25 5.49 4.38 -7.86
N ALA A 26 5.47 4.85 -6.61
CA ALA A 26 6.13 4.15 -5.53
C ALA A 26 5.17 3.94 -4.35
N CYS A 27 4.67 2.72 -4.21
CA CYS A 27 3.74 2.40 -3.14
C CYS A 27 4.49 2.00 -1.87
N LYS A 28 4.44 2.86 -0.86
CA LYS A 28 5.11 2.60 0.40
C LYS A 28 4.10 2.18 1.47
N CYS A 29 4.60 1.57 2.54
CA CYS A 29 3.74 1.12 3.63
C CYS A 29 4.24 1.63 4.98
N TYR A 30 3.38 1.54 5.98
CA TYR A 30 3.73 2.01 7.33
C TYR A 30 3.25 1.02 8.39
N PRO A 31 4.15 0.16 8.90
CA PRO A 31 3.81 -0.83 9.92
C PRO A 31 3.61 -0.21 11.29
N TYR A 32 3.55 -1.06 12.32
CA TYR A 32 3.37 -0.58 13.69
C TYR A 32 4.71 -0.24 14.33
#